data_4XQ7
#
_entry.id   4XQ7
#
_cell.length_a   54.800
_cell.length_b   57.620
_cell.length_c   64.790
_cell.angle_alpha   90.00
_cell.angle_beta   99.44
_cell.angle_gamma   90.00
#
_symmetry.space_group_name_H-M   'P 1 21 1'
#
loop_
_entity.id
_entity.type
_entity.pdbx_description
1 polymer "2'-5'-oligoadenylate synthase-like protein"
2 water water
#
_entity_poly.entity_id   1
_entity_poly.type   'polypeptide(L)'
_entity_poly.pdbx_seq_one_letter_code
;MALMQELYSTPASRLDSFVAQWLQPHREWKEEVLDAVRTVEEFLRQEHFQGKRGLDQDVRVLKVVKVGSFGNGTVLRSTR
EVELVAFLSCFHSFQEAAKHHKDVLRLIWKTMWQSQDLLDLGLEDLRMEQRVPDALVFTIQTRGTAEPITVTIVPAYRAL
GPSLPNSQPPPEVYVSLIKACGGPGNF(CME)PSFSELQRNFVKHRPTKLKSLLRLVKHWYQQYVKARSPRANLPPLYAL
ELLTIYAWEMGTEEDENFMLDEGFTTVMDLLLEYEVICIYWTKYYTLHNAIIEDCVRKQLKKERPIILDPADPTLNVAEG
YRWDIVAQRASQCLKQDCCYDNRENPISSWNVKRGSSHHHHHH
;
_entity_poly.pdbx_strand_id   A
#
# COMPACT_ATOMS: atom_id res chain seq x y z
N GLN A 5 4.02 -6.42 26.24
CA GLN A 5 5.11 -5.67 25.61
C GLN A 5 4.61 -4.81 24.47
N GLU A 6 5.22 -3.63 24.31
CA GLU A 6 4.88 -2.79 23.18
C GLU A 6 6.12 -2.08 22.62
N LEU A 7 5.96 -1.51 21.43
CA LEU A 7 7.09 -0.90 20.75
C LEU A 7 7.85 0.12 21.59
N TYR A 8 7.13 1.02 22.24
CA TYR A 8 7.77 2.14 22.93
C TYR A 8 8.61 1.66 24.11
N SER A 9 8.27 0.49 24.64
CA SER A 9 9.00 -0.06 25.79
C SER A 9 9.99 -1.15 25.34
N THR A 10 10.20 -1.27 24.04
CA THR A 10 11.19 -2.19 23.47
C THR A 10 12.51 -1.47 23.19
N PRO A 11 13.60 -1.90 23.85
CA PRO A 11 14.91 -1.28 23.57
C PRO A 11 15.26 -1.41 22.10
N ALA A 12 15.94 -0.41 21.57
CA ALA A 12 16.36 -0.43 20.18
C ALA A 12 17.06 -1.74 19.82
N SER A 13 17.86 -2.23 20.78
CA SER A 13 18.66 -3.42 20.55
C SER A 13 17.81 -4.68 20.39
N ARG A 14 16.54 -4.59 20.75
CA ARG A 14 15.65 -5.75 20.71
C ARG A 14 14.60 -5.64 19.61
N LEU A 15 14.74 -4.68 18.72
CA LEU A 15 13.68 -4.49 17.73
C LEU A 15 13.56 -5.64 16.72
N ASP A 16 14.68 -6.25 16.32
CA ASP A 16 14.62 -7.38 15.40
C ASP A 16 13.72 -8.48 16.01
N SER A 17 13.94 -8.78 17.30
CA SER A 17 13.18 -9.82 17.98
C SER A 17 11.72 -9.42 18.11
N PHE A 18 11.47 -8.16 18.41
CA PHE A 18 10.11 -7.66 18.51
C PHE A 18 9.37 -7.85 17.20
N VAL A 19 9.98 -7.44 16.08
CA VAL A 19 9.31 -7.59 14.80
C VAL A 19 9.02 -9.06 14.52
N ALA A 20 10.02 -9.92 14.72
CA ALA A 20 9.90 -11.33 14.41
C ALA A 20 8.87 -12.03 15.27
N GLN A 21 8.83 -11.67 16.55
CA GLN A 21 8.03 -12.44 17.50
C GLN A 21 6.66 -11.83 17.76
N TRP A 22 6.53 -10.51 17.60
CA TRP A 22 5.26 -9.83 17.88
C TRP A 22 4.50 -9.36 16.65
N LEU A 23 5.21 -9.03 15.57
CA LEU A 23 4.56 -8.41 14.43
C LEU A 23 4.33 -9.38 13.26
N GLN A 24 5.08 -10.47 13.19
CA GLN A 24 4.89 -11.41 12.10
C GLN A 24 3.61 -12.24 12.30
N PRO A 25 2.81 -12.38 11.25
CA PRO A 25 1.67 -13.30 11.37
C PRO A 25 2.17 -14.73 11.33
N HIS A 26 1.40 -15.64 11.93
CA HIS A 26 1.72 -17.04 11.80
C HIS A 26 1.59 -17.47 10.35
N ARG A 27 2.56 -18.21 9.83
CA ARG A 27 2.54 -18.56 8.43
C ARG A 27 1.32 -19.41 8.02
N GLU A 28 0.82 -20.24 8.92
CA GLU A 28 -0.33 -21.09 8.61
C GLU A 28 -1.62 -20.28 8.64
N TRP A 29 -1.67 -19.26 9.49
CA TRP A 29 -2.80 -18.34 9.49
C TRP A 29 -2.84 -17.61 8.16
N LYS A 30 -1.68 -17.16 7.68
CA LYS A 30 -1.65 -16.43 6.41
C LYS A 30 -2.14 -17.34 5.29
N GLU A 31 -1.72 -18.60 5.31
CA GLU A 31 -2.12 -19.54 4.27
C GLU A 31 -3.64 -19.79 4.34
N GLU A 32 -4.17 -19.82 5.55
CA GLU A 32 -5.61 -20.02 5.77
C GLU A 32 -6.38 -18.88 5.12
N VAL A 33 -5.88 -17.66 5.33
CA VAL A 33 -6.51 -16.51 4.74
C VAL A 33 -6.40 -16.54 3.23
N LEU A 34 -5.21 -16.80 2.71
CA LEU A 34 -5.06 -16.80 1.25
C LEU A 34 -5.88 -17.89 0.58
N ASP A 35 -6.07 -19.04 1.23
CA ASP A 35 -6.92 -20.10 0.71
C ASP A 35 -8.37 -19.62 0.49
N ALA A 36 -8.88 -18.81 1.42
CA ALA A 36 -10.23 -18.29 1.27
C ALA A 36 -10.29 -17.23 0.19
N VAL A 37 -9.29 -16.36 0.17
CA VAL A 37 -9.22 -15.30 -0.83
C VAL A 37 -9.10 -15.87 -2.24
N ARG A 38 -8.41 -17.00 -2.39
CA ARG A 38 -8.28 -17.64 -3.69
C ARG A 38 -9.65 -17.92 -4.32
N THR A 39 -10.63 -18.27 -3.48
CA THR A 39 -11.96 -18.56 -3.99
C THR A 39 -12.60 -17.30 -4.54
N VAL A 40 -12.36 -16.16 -3.90
CA VAL A 40 -12.84 -14.88 -4.43
C VAL A 40 -12.15 -14.58 -5.78
N GLU A 41 -10.85 -14.77 -5.83
CA GLU A 41 -10.09 -14.51 -7.04
C GLU A 41 -10.58 -15.38 -8.18
N GLU A 42 -10.82 -16.66 -7.89
CA GLU A 42 -11.32 -17.59 -8.91
C GLU A 42 -12.72 -17.19 -9.38
N PHE A 43 -13.57 -16.78 -8.44
CA PHE A 43 -14.89 -16.31 -8.77
C PHE A 43 -14.80 -15.17 -9.75
N LEU A 44 -13.98 -14.18 -9.44
CA LEU A 44 -13.89 -13.03 -10.28
C LEU A 44 -13.40 -13.38 -11.68
N ARG A 45 -12.38 -14.23 -11.78
CA ARG A 45 -11.84 -14.57 -13.09
C ARG A 45 -12.79 -15.41 -13.93
N GLN A 46 -13.59 -16.26 -13.30
CA GLN A 46 -14.40 -17.23 -14.03
C GLN A 46 -15.83 -16.77 -14.37
N GLU A 47 -16.35 -15.80 -13.62
CA GLU A 47 -17.75 -15.42 -13.74
C GLU A 47 -18.03 -14.59 -14.99
N HIS A 48 -19.09 -14.97 -15.71
CA HIS A 48 -19.61 -14.16 -16.79
C HIS A 48 -20.62 -13.20 -16.20
N PHE A 49 -20.16 -12.01 -15.88
CA PHE A 49 -21.00 -11.01 -15.25
C PHE A 49 -21.99 -10.43 -16.27
N GLN A 50 -23.25 -10.31 -15.88
CA GLN A 50 -24.26 -9.90 -16.83
C GLN A 50 -24.64 -8.46 -16.55
N GLY A 51 -23.98 -7.55 -17.28
CA GLY A 51 -24.17 -6.13 -17.11
C GLY A 51 -25.45 -5.62 -17.76
N GLN A 57 -23.77 -5.57 -21.31
CA GLN A 57 -22.88 -6.48 -22.01
C GLN A 57 -22.37 -7.57 -21.08
N ASP A 58 -21.73 -8.60 -21.67
CA ASP A 58 -21.05 -9.71 -20.97
C ASP A 58 -19.69 -9.29 -20.44
N VAL A 59 -19.60 -9.13 -19.14
CA VAL A 59 -18.45 -8.48 -18.55
C VAL A 59 -17.55 -9.52 -17.90
N ARG A 60 -16.25 -9.35 -18.04
CA ARG A 60 -15.28 -10.25 -17.42
C ARG A 60 -14.26 -9.46 -16.63
N VAL A 61 -13.78 -10.07 -15.56
CA VAL A 61 -12.57 -9.61 -14.87
C VAL A 61 -11.43 -10.35 -15.49
N LEU A 62 -10.56 -9.61 -16.18
CA LEU A 62 -9.50 -10.22 -16.98
C LEU A 62 -8.29 -10.57 -16.17
N LYS A 63 -8.11 -9.91 -15.02
CA LYS A 63 -6.97 -10.14 -14.15
C LYS A 63 -7.32 -9.62 -12.77
N VAL A 64 -6.90 -10.33 -11.73
CA VAL A 64 -7.08 -9.95 -10.32
C VAL A 64 -5.73 -9.94 -9.66
N VAL A 65 -5.44 -8.89 -8.91
CA VAL A 65 -4.15 -8.77 -8.26
C VAL A 65 -4.36 -8.41 -6.81
N LYS A 66 -3.59 -9.07 -5.97
CA LYS A 66 -3.57 -8.73 -4.55
C LYS A 66 -2.65 -7.52 -4.37
N VAL A 67 -3.13 -6.52 -3.64
CA VAL A 67 -2.35 -5.32 -3.39
C VAL A 67 -2.31 -5.08 -1.89
N GLY A 68 -1.75 -3.96 -1.47
CA GLY A 68 -1.55 -3.74 -0.04
C GLY A 68 -0.70 -4.82 0.59
N SER A 69 -0.94 -5.08 1.88
CA SER A 69 0.01 -5.86 2.67
C SER A 69 0.11 -7.30 2.15
N PHE A 70 -1.00 -7.91 1.72
CA PHE A 70 -0.94 -9.28 1.22
C PHE A 70 -0.28 -9.35 -0.15
N GLY A 71 -0.30 -8.24 -0.86
CA GLY A 71 0.34 -8.17 -2.14
C GLY A 71 1.83 -7.92 -2.08
N ASN A 72 2.31 -7.22 -1.06
CA ASN A 72 3.72 -6.82 -1.04
C ASN A 72 4.53 -7.41 0.12
N GLY A 73 3.94 -8.32 0.87
CA GLY A 73 4.70 -9.07 1.84
C GLY A 73 4.96 -8.33 3.14
N THR A 74 4.00 -7.51 3.58
CA THR A 74 4.13 -6.76 4.83
C THR A 74 2.92 -6.98 5.73
N VAL A 75 2.27 -8.11 5.57
CA VAL A 75 1.18 -8.50 6.47
C VAL A 75 1.68 -8.49 7.91
N LEU A 76 0.86 -7.93 8.81
CA LEU A 76 1.14 -7.88 10.21
C LEU A 76 0.27 -8.87 10.97
N ARG A 77 0.69 -9.17 12.19
CA ARG A 77 -0.15 -9.92 13.12
C ARG A 77 -1.57 -9.39 13.15
N SER A 78 -1.71 -8.06 13.15
CA SER A 78 -3.02 -7.43 13.28
C SER A 78 -3.81 -7.24 11.97
N THR A 79 -3.24 -7.59 10.83
CA THR A 79 -3.92 -7.38 9.53
C THR A 79 -5.16 -8.24 9.41
N ARG A 80 -6.32 -7.61 9.10
CA ARG A 80 -7.57 -8.36 8.93
C ARG A 80 -8.29 -8.00 7.64
N GLU A 81 -7.60 -7.36 6.70
CA GLU A 81 -8.15 -7.04 5.39
C GLU A 81 -7.21 -7.48 4.28
N VAL A 82 -7.79 -7.96 3.18
CA VAL A 82 -7.07 -8.35 1.99
C VAL A 82 -7.60 -7.51 0.84
N GLU A 83 -6.72 -6.79 0.16
CA GLU A 83 -7.11 -5.87 -0.89
C GLU A 83 -6.87 -6.47 -2.26
N LEU A 84 -7.89 -6.40 -3.12
CA LEU A 84 -7.83 -6.87 -4.50
C LEU A 84 -8.13 -5.74 -5.48
N VAL A 85 -7.44 -5.77 -6.61
CA VAL A 85 -7.78 -4.92 -7.76
C VAL A 85 -8.19 -5.86 -8.90
N ALA A 86 -9.33 -5.52 -9.50
CA ALA A 86 -9.92 -6.29 -10.60
C ALA A 86 -9.87 -5.46 -11.86
N PHE A 87 -9.24 -5.99 -12.90
CA PHE A 87 -9.12 -5.31 -14.18
C PHE A 87 -10.28 -5.75 -15.06
N LEU A 88 -11.05 -4.77 -15.53
CA LEU A 88 -12.31 -5.07 -16.21
C LEU A 88 -12.30 -5.02 -17.71
N SER A 89 -13.00 -5.99 -18.30
CA SER A 89 -13.05 -6.09 -19.74
C SER A 89 -13.76 -4.93 -20.41
N CYS A 90 -14.61 -4.24 -19.65
CA CYS A 90 -15.51 -3.25 -20.22
C CYS A 90 -14.96 -1.84 -20.09
N PHE A 91 -13.74 -1.70 -19.58
CA PHE A 91 -13.08 -0.40 -19.54
C PHE A 91 -12.00 -0.36 -20.61
N HIS A 92 -12.05 0.67 -21.46
CA HIS A 92 -11.07 0.85 -22.53
C HIS A 92 -10.34 2.18 -22.48
N SER A 93 -10.56 2.94 -21.42
CA SER A 93 -9.86 4.18 -21.18
C SER A 93 -9.95 4.52 -19.70
N PHE A 94 -9.10 5.43 -19.24
CA PHE A 94 -9.20 5.93 -17.88
C PHE A 94 -10.57 6.52 -17.63
N GLN A 95 -11.07 7.27 -18.62
CA GLN A 95 -12.34 7.98 -18.51
C GLN A 95 -13.49 6.98 -18.33
N GLU A 96 -13.44 5.86 -19.04
CA GLU A 96 -14.52 4.87 -18.95
C GLU A 96 -14.54 4.22 -17.58
N ALA A 97 -13.36 3.90 -17.04
CA ALA A 97 -13.25 3.30 -15.72
C ALA A 97 -13.84 4.26 -14.71
N ALA A 98 -13.52 5.54 -14.83
CA ALA A 98 -14.00 6.50 -13.85
C ALA A 98 -15.51 6.62 -13.90
N LYS A 99 -16.08 6.61 -15.10
CA LYS A 99 -17.52 6.81 -15.26
C LYS A 99 -18.32 5.63 -14.73
N HIS A 100 -17.79 4.43 -14.93
CA HIS A 100 -18.54 3.19 -14.67
C HIS A 100 -18.00 2.38 -13.50
N HIS A 101 -17.12 3.00 -12.71
CA HIS A 101 -16.55 2.41 -11.50
C HIS A 101 -17.63 1.80 -10.58
N LYS A 102 -18.59 2.63 -10.17
CA LYS A 102 -19.62 2.16 -9.24
C LYS A 102 -20.54 1.15 -9.89
N ASP A 103 -20.87 1.37 -11.17
CA ASP A 103 -21.69 0.44 -11.93
C ASP A 103 -21.11 -0.96 -11.83
N VAL A 104 -19.80 -1.06 -12.04
CA VAL A 104 -19.15 -2.37 -12.01
C VAL A 104 -19.15 -3.00 -10.63
N LEU A 105 -18.90 -2.21 -9.59
CA LEU A 105 -18.92 -2.71 -8.23
C LEU A 105 -20.31 -3.26 -7.89
N ARG A 106 -21.36 -2.55 -8.30
CA ARG A 106 -22.73 -3.02 -8.05
C ARG A 106 -22.99 -4.32 -8.76
N LEU A 107 -22.50 -4.43 -10.00
CA LEU A 107 -22.65 -5.64 -10.79
C LEU A 107 -21.97 -6.81 -10.09
N ILE A 108 -20.75 -6.59 -9.62
CA ILE A 108 -20.02 -7.65 -8.91
C ILE A 108 -20.78 -8.07 -7.64
N TRP A 109 -21.24 -7.09 -6.86
CA TRP A 109 -21.99 -7.31 -5.64
C TRP A 109 -23.27 -8.13 -5.91
N LYS A 110 -24.06 -7.70 -6.88
CA LYS A 110 -25.28 -8.44 -7.28
C LYS A 110 -24.98 -9.91 -7.51
N THR A 111 -23.88 -10.16 -8.22
CA THR A 111 -23.55 -11.49 -8.66
C THR A 111 -22.99 -12.33 -7.49
N MET A 112 -22.29 -11.69 -6.56
CA MET A 112 -21.72 -12.41 -5.42
C MET A 112 -22.77 -13.07 -4.52
N TRP A 113 -23.89 -12.39 -4.34
CA TRP A 113 -25.01 -12.90 -3.57
C TRP A 113 -25.65 -14.16 -4.12
N GLN A 114 -25.32 -14.52 -5.37
CA GLN A 114 -25.85 -15.72 -6.00
C GLN A 114 -24.76 -16.79 -6.17
N SER A 115 -23.55 -16.48 -5.71
CA SER A 115 -22.40 -17.39 -5.88
C SER A 115 -22.41 -18.49 -4.85
N GLN A 116 -22.66 -19.73 -5.29
CA GLN A 116 -22.68 -20.85 -4.35
C GLN A 116 -21.35 -20.95 -3.60
N ASP A 117 -20.27 -20.76 -4.34
CA ASP A 117 -18.95 -20.83 -3.74
C ASP A 117 -18.71 -19.80 -2.63
N LEU A 118 -19.13 -18.56 -2.86
CA LEU A 118 -18.91 -17.52 -1.86
C LEU A 118 -19.92 -17.64 -0.72
N LEU A 119 -21.16 -18.06 -1.02
CA LEU A 119 -22.15 -18.28 0.01
C LEU A 119 -21.66 -19.38 0.96
N ASP A 120 -20.99 -20.40 0.40
CA ASP A 120 -20.48 -21.47 1.24
C ASP A 120 -19.26 -21.04 2.06
N LEU A 121 -18.66 -19.90 1.72
CA LEU A 121 -17.59 -19.30 2.51
C LEU A 121 -18.12 -18.24 3.50
N GLY A 122 -19.42 -18.23 3.74
CA GLY A 122 -19.99 -17.36 4.75
C GLY A 122 -19.93 -15.89 4.41
N LEU A 123 -20.04 -15.59 3.11
CA LEU A 123 -20.04 -14.23 2.61
C LEU A 123 -21.01 -13.41 3.42
N GLU A 124 -20.58 -12.26 3.94
CA GLU A 124 -21.54 -11.35 4.53
C GLU A 124 -21.02 -9.92 4.53
N ASP A 125 -21.91 -9.03 4.97
CA ASP A 125 -21.59 -7.62 5.17
C ASP A 125 -21.12 -6.93 3.86
N LEU A 126 -21.80 -7.17 2.73
CA LEU A 126 -21.44 -6.47 1.53
C LEU A 126 -21.86 -4.99 1.59
N ARG A 127 -20.94 -4.11 1.24
CA ARG A 127 -21.21 -2.68 1.16
C ARG A 127 -20.16 -1.98 0.31
N MET A 128 -20.50 -0.82 -0.24
CA MET A 128 -19.50 -0.02 -0.93
C MET A 128 -18.98 1.01 0.09
N GLU A 129 -17.68 1.20 0.13
CA GLU A 129 -17.04 2.19 1.00
C GLU A 129 -16.29 3.22 0.16
N GLN A 130 -16.37 4.48 0.59
CA GLN A 130 -15.77 5.57 -0.18
C GLN A 130 -14.29 5.72 0.17
N ARG A 131 -13.48 4.80 -0.33
CA ARG A 131 -12.07 4.73 0.01
C ARG A 131 -11.16 5.55 -0.91
N VAL A 132 -11.77 6.35 -1.76
CA VAL A 132 -11.05 7.20 -2.72
C VAL A 132 -9.94 6.45 -3.46
N PRO A 133 -10.32 5.61 -4.47
CA PRO A 133 -11.67 5.44 -5.01
C PRO A 133 -12.51 4.37 -4.31
N ASP A 134 -13.80 4.34 -4.62
CA ASP A 134 -14.75 3.41 -3.99
C ASP A 134 -14.30 1.96 -4.10
N ALA A 135 -14.60 1.20 -3.06
CA ALA A 135 -14.29 -0.23 -2.98
C ALA A 135 -15.53 -1.01 -2.56
N LEU A 136 -15.72 -2.17 -3.14
CA LEU A 136 -16.67 -3.16 -2.62
C LEU A 136 -15.97 -3.89 -1.49
N VAL A 137 -16.62 -3.94 -0.32
CA VAL A 137 -16.05 -4.46 0.90
C VAL A 137 -17.01 -5.51 1.48
N PHE A 138 -16.45 -6.62 1.97
CA PHE A 138 -17.24 -7.71 2.51
C PHE A 138 -16.39 -8.60 3.36
N THR A 139 -17.01 -9.53 4.08
CA THR A 139 -16.25 -10.57 4.75
C THR A 139 -16.57 -11.95 4.22
N ILE A 140 -15.56 -12.83 4.34
CA ILE A 140 -15.68 -14.23 4.09
C ILE A 140 -15.05 -14.97 5.28
N GLN A 141 -15.33 -16.26 5.41
CA GLN A 141 -14.86 -17.08 6.51
C GLN A 141 -13.87 -18.08 5.97
N THR A 142 -12.77 -18.30 6.69
CA THR A 142 -11.80 -19.27 6.28
C THR A 142 -12.29 -20.71 6.46
N ARG A 143 -11.63 -21.65 5.80
CA ARG A 143 -12.17 -23.00 5.72
C ARG A 143 -11.90 -23.85 6.97
N GLY A 144 -10.83 -23.55 7.69
CA GLY A 144 -10.41 -24.33 8.82
C GLY A 144 -11.11 -23.86 10.09
N THR A 145 -10.82 -22.61 10.42
CA THR A 145 -11.35 -21.95 11.62
C THR A 145 -12.68 -21.24 11.42
N ALA A 146 -13.06 -20.96 10.17
CA ALA A 146 -14.24 -20.15 9.90
C ALA A 146 -14.13 -18.75 10.45
N GLU A 147 -12.89 -18.27 10.62
CA GLU A 147 -12.69 -16.91 11.08
C GLU A 147 -12.93 -15.90 9.96
N PRO A 148 -13.46 -14.72 10.32
CA PRO A 148 -13.78 -13.71 9.31
C PRO A 148 -12.57 -12.92 8.88
N ILE A 149 -12.52 -12.65 7.58
CA ILE A 149 -11.54 -11.77 7.00
C ILE A 149 -12.27 -10.82 6.06
N THR A 150 -11.87 -9.55 6.09
CA THR A 150 -12.45 -8.53 5.20
C THR A 150 -11.67 -8.54 3.89
N VAL A 151 -12.43 -8.47 2.79
CA VAL A 151 -11.84 -8.41 1.45
C VAL A 151 -12.39 -7.19 0.77
N THR A 152 -11.53 -6.51 0.01
CA THR A 152 -11.97 -5.33 -0.73
C THR A 152 -11.63 -5.51 -2.20
N ILE A 153 -12.51 -4.98 -3.05
CA ILE A 153 -12.32 -4.98 -4.50
C ILE A 153 -12.44 -3.58 -5.06
N VAL A 154 -11.42 -3.18 -5.82
CA VAL A 154 -11.42 -1.94 -6.60
C VAL A 154 -11.28 -2.31 -8.08
N PRO A 155 -12.13 -1.76 -8.95
CA PRO A 155 -12.06 -2.00 -10.39
C PRO A 155 -11.05 -1.09 -11.06
N ALA A 156 -10.47 -1.57 -12.17
CA ALA A 156 -9.44 -0.79 -12.86
C ALA A 156 -9.47 -1.01 -14.36
N TYR A 157 -9.07 0.04 -15.07
CA TYR A 157 -8.74 -0.03 -16.49
C TYR A 157 -7.33 -0.63 -16.61
N ARG A 158 -7.21 -1.66 -17.44
CA ARG A 158 -5.93 -2.29 -17.71
C ARG A 158 -5.12 -1.45 -18.71
N ALA A 159 -4.46 -0.42 -18.19
CA ALA A 159 -3.61 0.45 -19.01
C ALA A 159 -2.27 -0.18 -19.38
N LEU A 160 -1.81 -1.14 -18.59
CA LEU A 160 -0.51 -1.77 -18.81
C LEU A 160 -0.61 -3.20 -19.35
N GLY A 161 0.25 -3.54 -20.30
CA GLY A 161 0.29 -4.89 -20.83
C GLY A 161 1.15 -5.79 -19.97
N PRO A 162 1.18 -7.10 -20.30
CA PRO A 162 2.06 -8.03 -19.60
C PRO A 162 3.54 -7.71 -19.76
N SER A 163 4.31 -7.88 -18.70
CA SER A 163 5.76 -7.72 -18.75
C SER A 163 6.40 -8.25 -17.48
N LEU A 164 7.73 -8.19 -17.41
CA LEU A 164 8.39 -8.53 -16.16
C LEU A 164 7.96 -7.57 -15.07
N PRO A 165 7.88 -8.07 -13.83
CA PRO A 165 7.69 -7.14 -12.71
C PRO A 165 8.81 -6.09 -12.72
N ASN A 166 8.42 -4.82 -12.76
CA ASN A 166 9.32 -3.67 -12.63
C ASN A 166 9.96 -3.15 -13.91
N SER A 167 9.53 -3.64 -15.07
CA SER A 167 9.94 -3.00 -16.32
C SER A 167 9.27 -1.61 -16.39
N GLN A 168 9.72 -0.74 -17.30
CA GLN A 168 9.05 0.57 -17.43
C GLN A 168 7.91 0.56 -18.43
N PRO A 169 6.74 1.08 -18.01
CA PRO A 169 5.68 1.26 -19.02
C PRO A 169 6.14 2.11 -20.19
N PRO A 170 5.58 1.86 -21.38
CA PRO A 170 5.89 2.77 -22.48
C PRO A 170 5.45 4.18 -22.09
N PRO A 171 6.24 5.22 -22.42
CA PRO A 171 5.88 6.57 -22.02
C PRO A 171 4.49 7.00 -22.46
N GLU A 172 3.99 6.42 -23.56
CA GLU A 172 2.68 6.79 -24.09
C GLU A 172 1.59 6.56 -23.05
N VAL A 173 1.79 5.60 -22.15
CA VAL A 173 0.79 5.29 -21.15
C VAL A 173 0.64 6.47 -20.21
N TYR A 174 1.76 7.03 -19.78
CA TYR A 174 1.69 8.20 -18.89
C TYR A 174 1.33 9.48 -19.62
N VAL A 175 1.70 9.59 -20.88
CA VAL A 175 1.21 10.70 -21.70
C VAL A 175 -0.33 10.69 -21.72
N SER A 176 -0.93 9.50 -21.88
CA SER A 176 -2.39 9.43 -22.00
C SER A 176 -3.03 9.73 -20.66
N LEU A 177 -2.39 9.28 -19.59
CA LEU A 177 -2.84 9.55 -18.24
C LEU A 177 -2.90 11.05 -18.01
N ILE A 178 -1.80 11.72 -18.32
CA ILE A 178 -1.71 13.16 -18.16
C ILE A 178 -2.75 13.90 -19.04
N LYS A 179 -3.00 13.39 -20.23
CA LYS A 179 -3.98 14.01 -21.13
C LYS A 179 -5.40 13.82 -20.59
N ALA A 180 -5.61 12.72 -19.87
CA ALA A 180 -6.95 12.32 -19.42
C ALA A 180 -7.46 13.08 -18.19
N CYS A 181 -6.54 13.53 -17.34
CA CYS A 181 -6.90 14.18 -16.06
C CYS A 181 -7.63 13.19 -15.15
N PHE A 187 -3.29 6.77 -6.37
CA PHE A 187 -4.72 6.56 -6.27
C PHE A 187 -5.27 5.95 -7.55
N PRO A 189 -5.84 2.93 -9.87
CA PRO A 189 -5.63 1.49 -9.71
C PRO A 189 -5.09 0.84 -10.98
N SER A 190 -5.09 1.56 -12.09
CA SER A 190 -4.42 1.05 -13.30
C SER A 190 -2.94 0.72 -13.06
N PHE A 191 -2.34 1.37 -12.08
CA PHE A 191 -0.91 1.23 -11.84
C PHE A 191 -0.64 0.50 -10.54
N SER A 192 -1.66 -0.21 -10.06
CA SER A 192 -1.56 -0.85 -8.74
C SER A 192 -0.52 -1.96 -8.69
N GLU A 193 -0.26 -2.62 -9.82
CA GLU A 193 0.78 -3.66 -9.87
C GLU A 193 2.16 -3.04 -9.64
N LEU A 194 2.37 -1.81 -10.13
CA LEU A 194 3.62 -1.10 -9.93
C LEU A 194 3.78 -0.59 -8.52
N GLN A 195 2.70 -0.06 -7.95
CA GLN A 195 2.71 0.34 -6.55
C GLN A 195 3.08 -0.86 -5.68
N ARG A 196 2.54 -2.02 -6.03
CA ARG A 196 2.79 -3.27 -5.30
C ARG A 196 4.25 -3.63 -5.44
N ASN A 197 4.69 -3.72 -6.70
CA ASN A 197 6.04 -4.19 -6.98
C ASN A 197 7.09 -3.32 -6.31
N PHE A 198 6.84 -2.02 -6.26
CA PHE A 198 7.80 -1.06 -5.74
C PHE A 198 8.16 -1.39 -4.29
N VAL A 199 7.18 -1.90 -3.56
CA VAL A 199 7.34 -2.27 -2.16
C VAL A 199 7.68 -3.78 -2.01
N LYS A 200 7.09 -4.62 -2.86
CA LYS A 200 7.23 -6.08 -2.78
C LYS A 200 8.65 -6.54 -3.04
N HIS A 201 9.26 -5.99 -4.07
CA HIS A 201 10.56 -6.46 -4.58
C HIS A 201 11.68 -5.73 -3.89
N ARG A 202 11.83 -6.08 -2.62
CA ARG A 202 12.82 -5.51 -1.72
C ARG A 202 13.36 -6.58 -0.81
N PRO A 203 14.53 -6.34 -0.21
CA PRO A 203 15.14 -7.35 0.65
C PRO A 203 14.36 -7.65 1.92
N THR A 204 14.53 -8.86 2.42
CA THR A 204 13.84 -9.30 3.63
C THR A 204 13.90 -8.31 4.79
N LYS A 205 15.08 -7.78 5.06
CA LYS A 205 15.22 -6.93 6.23
C LYS A 205 14.52 -5.59 6.04
N LEU A 206 14.41 -5.12 4.80
CA LEU A 206 13.61 -3.92 4.53
C LEU A 206 12.14 -4.21 4.84
N LYS A 207 11.69 -5.44 4.57
CA LYS A 207 10.29 -5.78 4.88
C LYS A 207 10.08 -5.69 6.37
N SER A 208 11.10 -6.05 7.17
CA SER A 208 10.99 -5.91 8.62
C SER A 208 10.86 -4.47 9.06
N LEU A 209 11.65 -3.58 8.45
CA LEU A 209 11.54 -2.18 8.75
C LEU A 209 10.16 -1.61 8.31
N LEU A 210 9.69 -2.00 7.13
CA LEU A 210 8.34 -1.63 6.72
C LEU A 210 7.26 -2.07 7.68
N ARG A 211 7.33 -3.32 8.12
CA ARG A 211 6.39 -3.80 9.16
C ARG A 211 6.45 -2.96 10.42
N LEU A 212 7.65 -2.64 10.88
CA LEU A 212 7.83 -1.85 12.09
C LEU A 212 7.21 -0.47 11.95
N VAL A 213 7.51 0.21 10.85
CA VAL A 213 6.95 1.55 10.59
C VAL A 213 5.42 1.49 10.46
N LYS A 214 4.90 0.51 9.72
CA LYS A 214 3.45 0.38 9.56
C LYS A 214 2.75 0.09 10.88
N HIS A 215 3.35 -0.77 11.70
CA HIS A 215 2.80 -1.08 13.01
C HIS A 215 2.76 0.15 13.89
N TRP A 216 3.88 0.88 13.93
CA TRP A 216 3.97 2.12 14.68
C TRP A 216 2.91 3.09 14.19
N TYR A 217 2.77 3.22 12.88
CA TYR A 217 1.85 4.19 12.31
C TYR A 217 0.42 3.83 12.71
N GLN A 218 0.04 2.58 12.52
CA GLN A 218 -1.31 2.17 12.87
C GLN A 218 -1.63 2.29 14.36
N GLN A 219 -0.70 1.91 15.24
CA GLN A 219 -1.04 1.84 16.66
C GLN A 219 -0.84 3.17 17.39
N TYR A 220 0.15 3.94 17.00
CA TYR A 220 0.48 5.18 17.70
C TYR A 220 0.00 6.46 17.01
N VAL A 221 -0.33 6.37 15.72
CA VAL A 221 -0.79 7.53 14.97
C VAL A 221 -2.24 7.34 14.54
N LYS A 222 -2.53 6.40 13.64
CA LYS A 222 -3.90 6.25 13.15
C LYS A 222 -4.90 5.96 14.29
N ALA A 223 -4.56 5.02 15.16
CA ALA A 223 -5.48 4.63 16.23
C ALA A 223 -5.79 5.78 17.18
N ARG A 224 -4.86 6.71 17.33
CA ARG A 224 -5.00 7.80 18.29
C ARG A 224 -5.73 9.01 17.70
N SER A 225 -5.73 9.13 16.36
CA SER A 225 -6.44 10.19 15.67
C SER A 225 -7.26 9.61 14.53
N PRO A 226 -8.22 8.74 14.85
CA PRO A 226 -8.95 7.99 13.82
C PRO A 226 -9.89 8.83 12.97
N ARG A 227 -10.21 10.04 13.38
CA ARG A 227 -11.04 10.92 12.56
C ARG A 227 -10.24 11.88 11.69
N ALA A 228 -8.92 11.92 11.86
CA ALA A 228 -8.09 12.94 11.20
C ALA A 228 -7.71 12.51 9.80
N ASN A 229 -7.43 13.49 8.94
CA ASN A 229 -7.04 13.21 7.56
C ASN A 229 -5.55 12.88 7.50
N LEU A 230 -5.20 11.72 8.04
CA LEU A 230 -3.82 11.27 8.09
C LEU A 230 -3.38 10.72 6.73
N PRO A 231 -2.08 10.82 6.46
CA PRO A 231 -1.64 10.30 5.17
C PRO A 231 -1.78 8.77 5.04
N PRO A 232 -1.88 8.28 3.80
CA PRO A 232 -2.00 6.85 3.54
C PRO A 232 -0.74 6.08 3.91
N LEU A 233 -0.91 4.81 4.27
CA LEU A 233 0.21 3.92 4.57
C LEU A 233 1.24 3.91 3.44
N TYR A 234 0.79 3.96 2.19
CA TYR A 234 1.71 3.99 1.04
C TYR A 234 2.73 5.09 1.15
N ALA A 235 2.31 6.27 1.61
CA ALA A 235 3.23 7.40 1.76
C ALA A 235 4.36 7.04 2.74
N LEU A 236 3.99 6.33 3.81
CA LEU A 236 4.95 5.89 4.82
C LEU A 236 5.87 4.81 4.26
N GLU A 237 5.31 3.91 3.45
CA GLU A 237 6.12 2.89 2.77
C GLU A 237 7.16 3.57 1.87
N LEU A 238 6.73 4.56 1.10
CA LEU A 238 7.64 5.24 0.18
C LEU A 238 8.75 5.98 0.94
N LEU A 239 8.40 6.64 2.04
CA LEU A 239 9.38 7.34 2.83
C LEU A 239 10.41 6.38 3.43
N THR A 240 9.94 5.21 3.87
CA THR A 240 10.81 4.19 4.47
C THR A 240 11.81 3.66 3.44
N ILE A 241 11.29 3.37 2.25
CA ILE A 241 12.14 2.91 1.17
C ILE A 241 13.16 3.97 0.79
N TYR A 242 12.71 5.20 0.67
CA TYR A 242 13.61 6.30 0.41
C TYR A 242 14.74 6.39 1.44
N ALA A 243 14.39 6.35 2.73
CA ALA A 243 15.38 6.41 3.80
C ALA A 243 16.43 5.31 3.63
N TRP A 244 15.97 4.11 3.30
CA TRP A 244 16.86 2.97 3.18
C TRP A 244 17.74 3.06 1.94
N GLU A 245 17.13 3.51 0.85
CA GLU A 245 17.87 3.59 -0.41
C GLU A 245 19.02 4.56 -0.29
N MET A 246 18.71 5.72 0.24
CA MET A 246 19.68 6.80 0.37
C MET A 246 20.61 6.60 1.55
N GLY A 247 20.09 6.05 2.63
CA GLY A 247 20.86 5.94 3.85
C GLY A 247 21.82 4.79 3.88
N THR A 248 21.53 3.75 3.12
CA THR A 248 22.37 2.55 3.11
C THR A 248 22.88 2.14 1.74
N GLU A 249 22.55 2.90 0.70
CA GLU A 249 22.85 2.50 -0.68
C GLU A 249 22.29 1.11 -0.98
N GLU A 250 21.02 0.95 -0.62
CA GLU A 250 20.24 -0.26 -0.88
C GLU A 250 20.94 -1.52 -0.37
N ASP A 251 21.32 -1.50 0.90
CA ASP A 251 22.02 -2.63 1.51
C ASP A 251 21.02 -3.61 2.13
N GLU A 252 21.09 -4.88 1.75
CA GLU A 252 20.19 -5.89 2.34
C GLU A 252 20.50 -6.09 3.82
N ASN A 253 21.70 -5.65 4.21
CA ASN A 253 22.15 -5.75 5.59
C ASN A 253 22.22 -4.32 6.11
N PHE A 254 21.45 -4.06 7.16
CA PHE A 254 21.44 -2.75 7.81
C PHE A 254 20.89 -2.94 9.21
N MET A 255 21.10 -1.95 10.06
CA MET A 255 20.60 -1.95 11.44
C MET A 255 19.16 -1.47 11.51
N LEU A 256 18.27 -2.36 11.95
CA LEU A 256 16.85 -2.02 12.02
C LEU A 256 16.58 -0.79 12.88
N ASP A 257 17.25 -0.70 14.02
CA ASP A 257 17.01 0.43 14.91
C ASP A 257 17.41 1.77 14.28
N GLU A 258 18.51 1.79 13.55
CA GLU A 258 18.93 3.02 12.87
C GLU A 258 17.93 3.40 11.77
N GLY A 259 17.42 2.41 11.06
CA GLY A 259 16.42 2.64 10.05
C GLY A 259 15.16 3.26 10.60
N PHE A 260 14.69 2.73 11.72
CA PHE A 260 13.46 3.23 12.33
C PHE A 260 13.63 4.67 12.79
N THR A 261 14.75 4.95 13.46
CA THR A 261 15.04 6.31 13.91
C THR A 261 15.16 7.28 12.72
N THR A 262 15.73 6.80 11.64
CA THR A 262 15.91 7.62 10.43
C THR A 262 14.54 8.03 9.90
N VAL A 263 13.61 7.08 9.83
CA VAL A 263 12.27 7.39 9.35
C VAL A 263 11.60 8.40 10.28
N MET A 264 11.74 8.25 11.60
CA MET A 264 11.18 9.22 12.55
C MET A 264 11.75 10.64 12.31
N ASP A 265 13.06 10.72 12.14
CA ASP A 265 13.73 12.00 11.87
C ASP A 265 13.17 12.64 10.62
N LEU A 266 12.97 11.84 9.59
CA LEU A 266 12.48 12.34 8.30
C LEU A 266 11.06 12.89 8.42
N LEU A 267 10.23 12.21 9.20
CA LEU A 267 8.87 12.65 9.48
C LEU A 267 8.85 14.02 10.15
N LEU A 268 9.82 14.30 11.01
CA LEU A 268 9.91 15.63 11.62
C LEU A 268 10.09 16.72 10.59
N GLU A 269 10.77 16.38 9.50
CA GLU A 269 11.16 17.32 8.46
C GLU A 269 10.17 17.35 7.29
N TYR A 270 8.91 17.00 7.54
CA TYR A 270 7.96 16.87 6.45
C TYR A 270 7.83 18.14 5.61
N GLU A 271 8.04 19.30 6.24
CA GLU A 271 7.82 20.57 5.56
C GLU A 271 8.83 20.81 4.43
N VAL A 272 9.92 20.04 4.39
CA VAL A 272 10.91 20.17 3.31
C VAL A 272 11.18 18.89 2.51
N ILE A 273 10.40 17.84 2.74
CA ILE A 273 10.47 16.62 1.94
C ILE A 273 10.08 16.84 0.48
N CYS A 274 10.99 16.44 -0.41
CA CYS A 274 10.73 16.44 -1.85
C CYS A 274 11.41 15.23 -2.49
N ILE A 275 10.63 14.17 -2.71
CA ILE A 275 11.11 12.85 -3.10
C ILE A 275 10.41 12.39 -4.38
N TYR A 276 11.18 11.88 -5.34
CA TYR A 276 10.60 11.16 -6.47
C TYR A 276 11.59 10.17 -7.03
N TRP A 277 11.05 9.28 -7.85
CA TRP A 277 11.84 8.24 -8.50
C TRP A 277 11.60 8.25 -9.99
N THR A 278 12.60 7.79 -10.74
CA THR A 278 12.44 7.55 -12.16
C THR A 278 12.50 6.04 -12.42
N LYS A 279 11.82 5.31 -11.54
CA LYS A 279 11.74 3.86 -11.60
C LYS A 279 10.87 3.38 -12.75
N TYR A 280 9.68 3.97 -12.87
CA TYR A 280 8.73 3.54 -13.89
C TYR A 280 8.51 4.57 -14.98
N TYR A 281 8.90 5.81 -14.73
CA TYR A 281 8.93 6.84 -15.76
C TYR A 281 10.22 7.62 -15.62
N THR A 282 10.73 8.09 -16.74
CA THR A 282 11.92 8.92 -16.77
C THR A 282 11.54 10.31 -17.27
N LEU A 283 12.53 11.19 -17.32
CA LEU A 283 12.31 12.55 -17.82
C LEU A 283 12.63 12.67 -19.32
N HIS A 284 12.77 11.54 -20.00
CA HIS A 284 13.12 11.51 -21.42
C HIS A 284 11.97 12.07 -22.28
N ASN A 285 10.74 11.69 -21.93
CA ASN A 285 9.56 12.20 -22.61
C ASN A 285 9.22 13.61 -22.12
N ALA A 286 9.09 14.54 -23.07
CA ALA A 286 8.92 15.95 -22.73
C ALA A 286 7.67 16.21 -21.88
N ILE A 287 6.55 15.58 -22.25
CA ILE A 287 5.30 15.73 -21.48
C ILE A 287 5.44 15.18 -20.06
N ILE A 288 6.08 14.02 -19.90
CA ILE A 288 6.25 13.46 -18.56
C ILE A 288 7.19 14.38 -17.79
N GLU A 289 8.25 14.83 -18.43
CA GLU A 289 9.18 15.71 -17.75
C GLU A 289 8.46 16.95 -17.26
N ASP A 290 7.62 17.53 -18.11
CA ASP A 290 6.92 18.75 -17.75
C ASP A 290 6.02 18.51 -16.54
N CYS A 291 5.30 17.40 -16.56
CA CYS A 291 4.48 17.00 -15.42
C CYS A 291 5.27 16.90 -14.12
N VAL A 292 6.40 16.19 -14.16
CA VAL A 292 7.20 15.99 -12.97
C VAL A 292 7.79 17.32 -12.49
N ARG A 293 8.34 18.11 -13.40
CA ARG A 293 8.89 19.41 -13.07
C ARG A 293 7.85 20.27 -12.34
N LYS A 294 6.61 20.30 -12.85
CA LYS A 294 5.54 21.08 -12.24
C LYS A 294 5.23 20.58 -10.84
N GLN A 295 5.22 19.25 -10.68
CA GLN A 295 4.92 18.63 -9.40
C GLN A 295 5.91 19.06 -8.34
N LEU A 296 7.17 19.15 -8.72
CA LEU A 296 8.24 19.32 -7.73
C LEU A 296 8.31 20.74 -7.17
N LYS A 297 7.65 21.69 -7.83
CA LYS A 297 7.65 23.09 -7.42
C LYS A 297 6.51 23.41 -6.44
N LYS A 298 5.67 22.41 -6.14
CA LYS A 298 4.49 22.66 -5.32
C LYS A 298 4.83 22.60 -3.84
N GLU A 299 3.85 22.90 -2.99
CA GLU A 299 4.08 22.96 -1.56
C GLU A 299 4.45 21.58 -1.01
N ARG A 300 5.47 21.56 -0.16
CA ARG A 300 5.98 20.31 0.37
C ARG A 300 5.19 19.96 1.63
N PRO A 301 5.16 18.67 2.01
CA PRO A 301 5.92 17.53 1.47
C PRO A 301 5.46 17.06 0.09
N ILE A 302 6.43 16.71 -0.74
CA ILE A 302 6.17 16.03 -1.99
C ILE A 302 6.78 14.64 -1.93
N ILE A 303 5.94 13.64 -2.14
CA ILE A 303 6.37 12.27 -2.31
C ILE A 303 5.64 11.79 -3.56
N LEU A 304 6.30 11.90 -4.71
CA LEU A 304 5.68 11.56 -5.97
C LEU A 304 5.58 10.04 -6.11
N ASP A 305 4.39 9.54 -6.41
CA ASP A 305 4.17 8.12 -6.63
C ASP A 305 5.11 7.60 -7.72
N PRO A 306 5.99 6.63 -7.39
CA PRO A 306 6.84 6.11 -8.46
C PRO A 306 6.06 5.48 -9.61
N ALA A 307 4.82 5.06 -9.33
CA ALA A 307 3.94 4.44 -10.31
C ALA A 307 3.07 5.43 -11.09
N ASP A 308 3.04 6.70 -10.67
CA ASP A 308 2.07 7.66 -11.21
C ASP A 308 2.60 9.09 -11.05
N PRO A 309 3.10 9.68 -12.15
CA PRO A 309 3.74 10.98 -12.05
C PRO A 309 2.77 12.11 -11.75
N THR A 310 1.48 11.85 -11.82
CA THR A 310 0.49 12.89 -11.56
C THR A 310 0.08 12.95 -10.09
N LEU A 311 0.59 12.04 -9.26
CA LEU A 311 0.16 11.97 -7.86
C LEU A 311 1.26 12.26 -6.86
N ASN A 312 1.09 13.34 -6.10
CA ASN A 312 1.85 13.52 -4.89
C ASN A 312 1.10 12.81 -3.77
N VAL A 313 1.63 11.66 -3.37
CA VAL A 313 0.98 10.81 -2.39
C VAL A 313 0.86 11.51 -1.03
N ALA A 314 1.69 12.51 -0.79
CA ALA A 314 1.68 13.24 0.47
C ALA A 314 0.74 14.45 0.52
N GLU A 315 0.17 14.85 -0.61
CA GLU A 315 -0.55 16.13 -0.69
C GLU A 315 -1.85 16.12 0.15
N GLY A 316 -2.01 17.16 0.97
CA GLY A 316 -3.27 17.43 1.63
C GLY A 316 -3.49 16.77 2.98
N TYR A 317 -2.50 16.06 3.49
CA TYR A 317 -2.69 15.25 4.68
C TYR A 317 -2.06 15.88 5.92
N ARG A 318 -2.46 15.36 7.08
CA ARG A 318 -2.08 15.90 8.38
C ARG A 318 -0.71 15.42 8.81
N TRP A 319 0.33 15.84 8.10
CA TRP A 319 1.69 15.43 8.46
C TRP A 319 2.07 16.06 9.80
N ASP A 320 1.39 17.13 10.20
CA ASP A 320 1.70 17.78 11.48
C ASP A 320 1.45 16.78 12.62
N ILE A 321 0.36 16.02 12.51
CA ILE A 321 0.05 15.03 13.55
C ILE A 321 1.11 13.94 13.57
N VAL A 322 1.50 13.49 12.38
CA VAL A 322 2.49 12.41 12.26
C VAL A 322 3.80 12.85 12.89
N ALA A 323 4.20 14.09 12.64
CA ALA A 323 5.44 14.61 13.20
C ALA A 323 5.38 14.69 14.72
N GLN A 324 4.24 15.10 15.25
CA GLN A 324 4.03 15.14 16.70
C GLN A 324 4.28 13.75 17.31
N ARG A 325 3.70 12.72 16.70
CA ARG A 325 3.92 11.36 17.20
C ARG A 325 5.38 10.87 17.00
N ALA A 326 5.97 11.17 15.85
CA ALA A 326 7.38 10.82 15.62
C ALA A 326 8.28 11.47 16.68
N SER A 327 7.96 12.71 17.06
CA SER A 327 8.72 13.39 18.10
C SER A 327 8.63 12.62 19.42
N GLN A 328 7.44 12.13 19.74
CA GLN A 328 7.27 11.35 20.96
C GLN A 328 8.03 10.03 20.85
N CYS A 329 7.94 9.41 19.68
CA CYS A 329 8.58 8.13 19.44
C CYS A 329 10.08 8.20 19.71
N LEU A 330 10.70 9.30 19.29
CA LEU A 330 12.15 9.46 19.43
C LEU A 330 12.60 9.57 20.88
N LYS A 331 11.66 9.78 21.80
CA LYS A 331 11.99 9.87 23.22
C LYS A 331 11.90 8.51 23.93
N GLN A 332 11.51 7.49 23.18
CA GLN A 332 11.19 6.18 23.77
C GLN A 332 12.38 5.22 23.68
N ASP A 333 12.27 4.14 24.44
CA ASP A 333 13.32 3.14 24.53
C ASP A 333 13.71 2.55 23.18
N CYS A 334 12.75 2.50 22.25
CA CYS A 334 13.01 1.92 20.93
C CYS A 334 13.93 2.78 20.10
N CYS A 335 14.19 4.02 20.54
CA CYS A 335 15.09 4.93 19.83
C CYS A 335 16.31 5.34 20.66
N TYR A 336 16.59 4.56 21.69
CA TYR A 336 17.76 4.75 22.56
C TYR A 336 18.57 3.46 22.65
N ASP A 337 19.90 3.56 22.76
CA ASP A 337 20.70 2.36 23.00
C ASP A 337 20.61 2.01 24.48
N ASN A 338 21.43 1.08 24.95
CA ASN A 338 21.31 0.66 26.34
C ASN A 338 22.24 1.45 27.26
N ARG A 339 22.87 2.50 26.71
CA ARG A 339 23.69 3.41 27.50
C ARG A 339 23.10 4.82 27.50
N GLU A 340 21.80 4.91 27.20
CA GLU A 340 21.05 6.17 27.20
C GLU A 340 21.54 7.19 26.17
N ASN A 341 22.03 6.69 25.04
CA ASN A 341 22.33 7.53 23.90
C ASN A 341 21.25 7.36 22.85
N PRO A 342 20.75 8.46 22.28
CA PRO A 342 19.84 8.30 21.14
C PRO A 342 20.50 7.48 20.04
N ILE A 343 19.72 6.60 19.40
CA ILE A 343 20.16 5.91 18.21
C ILE A 343 20.47 6.94 17.12
N SER A 344 21.54 6.69 16.36
CA SER A 344 21.93 7.65 15.33
C SER A 344 21.26 7.29 14.00
N SER A 345 20.78 8.32 13.33
CA SER A 345 20.11 8.13 12.05
C SER A 345 21.11 8.04 10.91
N TRP A 346 20.63 7.50 9.79
CA TRP A 346 21.44 7.41 8.59
C TRP A 346 21.63 8.81 8.02
N ASN A 347 22.64 8.97 7.17
CA ASN A 347 22.84 10.22 6.46
C ASN A 347 21.97 10.16 5.22
N VAL A 348 20.91 10.96 5.23
CA VAL A 348 19.94 11.03 4.14
C VAL A 348 19.33 9.66 3.86
#